data_7UF3
#
_entry.id   7UF3
#
_cell.length_a   60.369
_cell.length_b   79.016
_cell.length_c   91.349
_cell.angle_alpha   90.000
_cell.angle_beta   90.000
_cell.angle_gamma   90.000
#
_symmetry.space_group_name_H-M   'C 2 2 21'
#
loop_
_entity.id
_entity.type
_entity.pdbx_description
1 polymer '3,4-dihydroxy-2-butanone 4-phosphate synthase'
2 non-polymer L-xylulose-5-phosphate
3 non-polymer 'MANGANESE (II) ION'
4 water water
#
_entity_poly.entity_id   1
_entity_poly.type   'polypeptide(L)'
_entity_poly.pdbx_seq_one_letter_code
;MNQSSLLAEFGDPITRVENALQALREGRGVLLLDDEDRENEGDIIYAVESLTTAQMALMIRECSGIVCLCLTEAQADRLA
LPPMVVNNNSANQTAFTVSIEAKHGVTTGVSAQDRVTTIKTAANPQAKPEDLARPGHVFPLRARAGGVLARRGHTEGTVD
LMQMAGLQPAGVLCELTNPDGSMAKTPEIIEFGKLHNMPVLTIEDMVQYRIQFDLKLA
;
_entity_poly.pdbx_strand_id   A
#
# COMPACT_ATOMS: atom_id res chain seq x y z
N ASN A 2 7.62 21.62 -12.39
CA ASN A 2 8.28 20.46 -11.81
C ASN A 2 7.46 19.83 -10.68
N GLN A 3 7.92 18.67 -10.21
CA GLN A 3 7.09 17.88 -9.29
C GLN A 3 6.98 18.55 -7.92
N SER A 4 8.11 18.91 -7.31
CA SER A 4 8.07 19.50 -5.98
C SER A 4 7.27 20.81 -5.99
N SER A 5 7.33 21.57 -7.07
CA SER A 5 6.47 22.75 -7.17
C SER A 5 5.00 22.34 -7.17
N LEU A 6 4.66 21.28 -7.91
CA LEU A 6 3.26 20.85 -7.92
C LEU A 6 2.80 20.45 -6.53
N LEU A 7 3.67 19.79 -5.76
CA LEU A 7 3.31 19.28 -4.44
C LEU A 7 3.37 20.33 -3.35
N ALA A 8 3.99 21.49 -3.61
CA ALA A 8 4.02 22.57 -2.62
C ALA A 8 2.64 22.85 -2.06
N GLU A 9 1.61 22.77 -2.90
CA GLU A 9 0.23 22.88 -2.44
C GLU A 9 -0.01 22.08 -1.17
N PHE A 10 0.48 20.85 -1.15
CA PHE A 10 0.25 19.93 -0.04
C PHE A 10 1.13 20.25 1.15
N GLY A 11 1.99 21.26 1.04
CA GLY A 11 2.95 21.60 2.07
C GLY A 11 4.36 21.17 1.67
N ASP A 12 5.32 21.50 2.54
CA ASP A 12 6.69 21.03 2.37
C ASP A 12 6.79 19.56 2.77
N PRO A 13 7.93 18.92 2.47
CA PRO A 13 8.02 17.46 2.66
C PRO A 13 7.61 16.98 4.04
N ILE A 14 8.00 17.70 5.09
CA ILE A 14 7.71 17.21 6.42
C ILE A 14 6.22 17.31 6.71
N THR A 15 5.61 18.41 6.27
CA THR A 15 4.16 18.56 6.40
C THR A 15 3.44 17.47 5.61
N ARG A 16 3.93 17.14 4.41
CA ARG A 16 3.27 16.14 3.59
C ARG A 16 3.28 14.79 4.30
N VAL A 17 4.36 14.49 5.01
CA VAL A 17 4.42 13.24 5.74
C VAL A 17 3.47 13.27 6.94
N GLU A 18 3.54 14.35 7.74
CA GLU A 18 2.68 14.41 8.93
C GLU A 18 1.22 14.36 8.56
N ASN A 19 0.84 15.04 7.49
CA ASN A 19 -0.56 15.02 7.08
C ASN A 19 -0.98 13.62 6.66
N ALA A 20 -0.12 12.92 5.92
CA ALA A 20 -0.43 11.54 5.54
C ALA A 20 -0.62 10.67 6.77
N LEU A 21 0.30 10.78 7.74
CA LEU A 21 0.18 9.94 8.93
C LEU A 21 -1.13 10.22 9.65
N GLN A 22 -1.49 11.49 9.76
CA GLN A 22 -2.72 11.83 10.47
C GLN A 22 -3.93 11.29 9.72
N ALA A 23 -3.94 11.36 8.38
CA ALA A 23 -5.05 10.81 7.63
C ALA A 23 -5.21 9.32 7.90
N LEU A 24 -4.09 8.59 7.92
CA LEU A 24 -4.13 7.16 8.20
C LEU A 24 -4.67 6.90 9.61
N ARG A 25 -4.17 7.66 10.60
CA ARG A 25 -4.68 7.51 11.96
C ARG A 25 -6.19 7.73 12.00
N GLU A 26 -6.69 8.63 11.16
CA GLU A 26 -8.12 8.89 11.08
C GLU A 26 -8.88 7.85 10.29
N GLY A 27 -8.19 6.89 9.68
CA GLY A 27 -8.87 5.88 8.91
C GLY A 27 -9.10 6.21 7.45
N ARG A 28 -8.45 7.24 6.93
CA ARG A 28 -8.56 7.68 5.56
C ARG A 28 -7.38 7.16 4.77
N GLY A 29 -7.44 7.38 3.46
CA GLY A 29 -6.42 6.92 2.56
C GLY A 29 -5.50 8.05 2.16
N VAL A 30 -4.33 7.68 1.66
CA VAL A 30 -3.36 8.63 1.15
C VAL A 30 -2.91 8.15 -0.21
N LEU A 31 -2.21 9.04 -0.92
CA LEU A 31 -1.66 8.75 -2.25
C LEU A 31 -0.15 8.92 -2.17
N LEU A 32 0.58 7.85 -2.48
CA LEU A 32 2.03 7.83 -2.39
C LEU A 32 2.64 7.73 -3.78
N LEU A 33 3.41 8.75 -4.14
CA LEU A 33 4.21 8.72 -5.35
C LEU A 33 5.61 8.15 -5.06
N ASP A 34 6.13 7.34 -5.98
CA ASP A 34 7.53 6.91 -5.89
C ASP A 34 8.38 7.86 -6.74
N ASP A 35 9.66 7.54 -6.89
CA ASP A 35 10.60 8.41 -7.57
C ASP A 35 10.20 8.56 -9.02
N GLU A 36 10.40 9.77 -9.54
CA GLU A 36 10.10 10.06 -10.94
C GLU A 36 10.91 9.19 -11.89
N ASP A 37 12.12 8.79 -11.48
CA ASP A 37 12.95 7.92 -12.31
C ASP A 37 12.82 6.45 -11.93
N ARG A 38 11.85 6.08 -11.08
CA ARG A 38 11.49 4.70 -10.86
C ARG A 38 10.22 4.39 -11.65
N GLU A 39 9.09 4.20 -10.97
CA GLU A 39 7.84 3.97 -11.69
C GLU A 39 7.14 5.27 -12.06
N ASN A 40 7.40 6.32 -11.30
CA ASN A 40 6.66 7.56 -11.45
C ASN A 40 5.16 7.29 -11.38
N GLU A 41 4.77 6.51 -10.38
CA GLU A 41 3.38 6.08 -10.23
C GLU A 41 2.92 6.46 -8.85
N GLY A 42 1.63 6.67 -8.72
CA GLY A 42 1.03 6.93 -7.43
C GLY A 42 0.08 5.83 -7.05
N ASP A 43 0.19 5.33 -5.83
CA ASP A 43 -0.65 4.26 -5.32
C ASP A 43 -1.61 4.85 -4.28
N ILE A 44 -2.85 4.38 -4.29
CA ILE A 44 -3.71 4.58 -3.12
C ILE A 44 -3.24 3.63 -2.02
N ILE A 45 -3.14 4.14 -0.79
CA ILE A 45 -2.76 3.39 0.38
C ILE A 45 -3.83 3.53 1.46
N TYR A 46 -4.26 2.40 2.03
CA TYR A 46 -5.15 2.39 3.19
C TYR A 46 -4.57 1.52 4.31
N ALA A 47 -4.81 1.92 5.54
CA ALA A 47 -4.51 1.04 6.66
C ALA A 47 -5.49 -0.14 6.65
N VAL A 48 -4.98 -1.33 6.94
CA VAL A 48 -5.84 -2.51 6.98
C VAL A 48 -6.82 -2.44 8.14
N GLU A 49 -6.38 -1.96 9.29
CA GLU A 49 -7.19 -2.07 10.49
C GLU A 49 -8.45 -1.21 10.41
N SER A 50 -8.49 -0.20 9.56
CA SER A 50 -9.71 0.59 9.35
C SER A 50 -10.34 0.36 7.99
N LEU A 51 -9.88 -0.65 7.25
CA LEU A 51 -10.31 -0.83 5.87
C LEU A 51 -11.81 -1.15 5.77
N THR A 52 -12.48 -0.48 4.85
CA THR A 52 -13.89 -0.72 4.63
C THR A 52 -14.11 -1.24 3.22
N THR A 53 -15.27 -1.89 3.02
CA THR A 53 -15.69 -2.25 1.68
C THR A 53 -15.68 -1.04 0.74
N ALA A 54 -16.15 0.11 1.24
CA ALA A 54 -16.24 1.30 0.39
C ALA A 54 -14.86 1.75 -0.07
N GLN A 55 -13.85 1.64 0.80
CA GLN A 55 -12.48 1.98 0.41
C GLN A 55 -11.94 0.99 -0.61
N MET A 56 -12.22 -0.31 -0.42
CA MET A 56 -11.80 -1.30 -1.40
C MET A 56 -12.50 -1.08 -2.74
N ALA A 57 -13.82 -0.80 -2.71
CA ALA A 57 -14.52 -0.52 -3.98
C ALA A 57 -13.89 0.66 -4.71
N LEU A 58 -13.51 1.70 -3.99
CA LEU A 58 -12.85 2.82 -4.64
C LEU A 58 -11.53 2.38 -5.27
N MET A 59 -10.74 1.59 -4.54
CA MET A 59 -9.49 1.10 -5.10
C MET A 59 -9.73 0.31 -6.36
N ILE A 60 -10.73 -0.56 -6.36
CA ILE A 60 -10.96 -1.40 -7.53
C ILE A 60 -11.39 -0.55 -8.72
N ARG A 61 -12.29 0.40 -8.53
CA ARG A 61 -12.74 1.13 -9.71
C ARG A 61 -11.76 2.20 -10.17
N GLU A 62 -10.91 2.72 -9.28
CA GLU A 62 -10.03 3.80 -9.69
C GLU A 62 -8.61 3.37 -9.95
N CYS A 63 -8.20 2.17 -9.51
CA CYS A 63 -6.83 1.69 -9.66
C CYS A 63 -6.77 0.45 -10.58
N SER A 64 -5.57 -0.14 -10.63
CA SER A 64 -5.34 -1.28 -11.53
C SER A 64 -6.22 -2.46 -11.16
N GLY A 65 -6.74 -2.50 -9.94
CA GLY A 65 -7.48 -3.63 -9.46
C GLY A 65 -6.63 -4.79 -8.94
N ILE A 66 -5.33 -4.74 -9.12
CA ILE A 66 -4.41 -5.72 -8.54
C ILE A 66 -4.08 -5.17 -7.17
N VAL A 67 -5.03 -5.31 -6.23
CA VAL A 67 -4.93 -4.72 -4.91
C VAL A 67 -4.01 -5.59 -4.07
N CYS A 68 -2.95 -5.00 -3.59
CA CYS A 68 -1.94 -5.75 -2.87
C CYS A 68 -2.08 -5.52 -1.38
N LEU A 69 -1.56 -6.49 -0.62
CA LEU A 69 -1.53 -6.44 0.83
C LEU A 69 -0.07 -6.41 1.27
N CYS A 70 0.38 -5.26 1.75
CA CYS A 70 1.73 -5.15 2.28
C CYS A 70 1.82 -5.82 3.66
N LEU A 71 2.68 -6.83 3.78
CA LEU A 71 2.90 -7.51 5.05
C LEU A 71 4.35 -7.38 5.46
N THR A 72 4.59 -7.45 6.77
CA THR A 72 5.96 -7.69 7.23
C THR A 72 6.42 -9.10 6.85
N GLU A 73 7.75 -9.28 6.80
CA GLU A 73 8.30 -10.61 6.58
C GLU A 73 7.82 -11.58 7.66
N ALA A 74 7.73 -11.11 8.90
CA ALA A 74 7.28 -11.99 9.97
C ALA A 74 5.86 -12.46 9.72
N GLN A 75 4.97 -11.56 9.28
CA GLN A 75 3.59 -11.95 9.07
C GLN A 75 3.47 -12.89 7.87
N ALA A 76 4.16 -12.56 6.77
CA ALA A 76 4.15 -13.45 5.61
C ALA A 76 4.64 -14.85 6.00
N ASP A 77 5.70 -14.90 6.82
CA ASP A 77 6.19 -16.18 7.33
C ASP A 77 5.13 -16.89 8.16
N ARG A 78 4.50 -16.19 9.10
CA ARG A 78 3.45 -16.81 9.89
C ARG A 78 2.37 -17.43 9.01
N LEU A 79 2.02 -16.77 7.91
CA LEU A 79 0.99 -17.28 7.03
C LEU A 79 1.50 -18.38 6.09
N ALA A 80 2.79 -18.70 6.16
CA ALA A 80 3.42 -19.67 5.27
C ALA A 80 3.21 -19.25 3.82
N LEU A 81 3.52 -18.00 3.52
CA LEU A 81 3.32 -17.46 2.20
C LEU A 81 4.67 -17.39 1.50
N PRO A 82 5.05 -18.38 0.73
CA PRO A 82 6.30 -18.28 -0.04
C PRO A 82 6.19 -17.23 -1.14
N PRO A 83 7.32 -16.74 -1.63
CA PRO A 83 7.31 -15.86 -2.79
C PRO A 83 6.67 -16.59 -3.98
N MET A 84 5.93 -15.84 -4.79
CA MET A 84 5.26 -16.49 -5.90
C MET A 84 6.27 -17.16 -6.83
N VAL A 85 7.44 -16.55 -6.99
CA VAL A 85 8.45 -17.07 -7.90
C VAL A 85 9.78 -17.13 -7.18
N VAL A 86 10.51 -18.23 -7.39
CA VAL A 86 11.80 -18.40 -6.74
C VAL A 86 12.77 -17.31 -7.20
N ASN A 87 12.99 -17.22 -8.50
CA ASN A 87 13.89 -16.21 -9.05
C ASN A 87 13.05 -15.12 -9.72
N ASN A 88 12.71 -14.12 -8.92
CA ASN A 88 11.97 -12.97 -9.41
C ASN A 88 12.83 -12.22 -10.42
N ASN A 89 12.39 -12.19 -11.68
CA ASN A 89 13.15 -11.50 -12.72
C ASN A 89 12.35 -10.35 -13.31
N SER A 90 11.32 -9.90 -12.58
CA SER A 90 10.58 -8.68 -12.92
C SER A 90 11.45 -7.45 -12.63
N ALA A 91 11.15 -6.35 -13.32
CA ALA A 91 12.01 -5.18 -13.31
C ALA A 91 12.28 -4.67 -11.89
N ASN A 92 11.21 -4.46 -11.10
CA ASN A 92 11.34 -3.87 -9.77
C ASN A 92 11.48 -4.92 -8.67
N GLN A 93 11.37 -6.20 -8.99
CA GLN A 93 11.48 -7.25 -8.00
C GLN A 93 10.44 -7.08 -6.89
N THR A 94 9.24 -6.68 -7.28
CA THR A 94 8.16 -6.63 -6.29
C THR A 94 7.94 -8.01 -5.68
N ALA A 95 7.85 -8.07 -4.35
CA ALA A 95 7.95 -9.33 -3.61
C ALA A 95 6.57 -9.98 -3.44
N PHE A 96 5.91 -10.22 -4.58
CA PHE A 96 4.62 -10.93 -4.58
C PHE A 96 4.77 -12.30 -3.92
N THR A 97 3.90 -12.60 -2.97
CA THR A 97 3.74 -13.98 -2.52
C THR A 97 2.73 -14.69 -3.42
N VAL A 98 2.51 -15.97 -3.15
CA VAL A 98 1.34 -16.63 -3.71
C VAL A 98 0.09 -15.85 -3.31
N SER A 99 -0.86 -15.76 -4.23
CA SER A 99 -2.07 -15.00 -3.95
C SER A 99 -2.95 -15.79 -3.01
N ILE A 100 -3.88 -15.09 -2.35
CA ILE A 100 -4.62 -15.66 -1.24
C ILE A 100 -6.13 -15.33 -1.31
N GLU A 101 -6.89 -16.15 -0.62
CA GLU A 101 -8.33 -16.02 -0.43
C GLU A 101 -8.65 -16.50 0.96
N ALA A 102 -9.51 -15.80 1.69
CA ALA A 102 -9.96 -16.36 2.96
C ALA A 102 -10.62 -17.73 2.73
N LYS A 103 -10.37 -18.66 3.65
CA LYS A 103 -11.08 -19.94 3.58
C LYS A 103 -12.54 -19.78 4.00
N HIS A 104 -12.83 -18.91 4.94
CA HIS A 104 -14.17 -18.72 5.44
C HIS A 104 -14.63 -17.28 5.27
N GLY A 105 -15.94 -17.14 5.11
CA GLY A 105 -16.58 -15.84 5.09
C GLY A 105 -16.58 -15.13 3.74
N VAL A 106 -16.22 -15.81 2.66
CA VAL A 106 -16.24 -15.24 1.32
C VAL A 106 -17.03 -16.17 0.42
N THR A 107 -17.39 -15.65 -0.76
CA THR A 107 -17.98 -16.49 -1.80
C THR A 107 -16.91 -16.69 -2.87
N THR A 108 -16.87 -15.87 -3.92
CA THR A 108 -15.90 -16.03 -4.99
C THR A 108 -14.60 -15.30 -4.73
N GLY A 109 -14.52 -14.51 -3.66
CA GLY A 109 -13.29 -13.87 -3.26
C GLY A 109 -13.02 -12.51 -3.89
N VAL A 110 -13.76 -12.16 -4.94
CA VAL A 110 -13.37 -11.03 -5.80
C VAL A 110 -14.14 -9.75 -5.51
N SER A 111 -15.33 -9.84 -4.91
CA SER A 111 -16.04 -8.63 -4.52
C SER A 111 -15.21 -7.79 -3.58
N ALA A 112 -15.54 -6.49 -3.50
CA ALA A 112 -14.85 -5.60 -2.58
C ALA A 112 -14.91 -6.14 -1.16
N GLN A 113 -16.10 -6.56 -0.73
CA GLN A 113 -16.27 -7.08 0.62
C GLN A 113 -15.39 -8.30 0.85
N ASP A 114 -15.38 -9.23 -0.10
CA ASP A 114 -14.61 -10.46 0.05
C ASP A 114 -13.13 -10.16 0.13
N ARG A 115 -12.62 -9.27 -0.73
CA ARG A 115 -11.21 -8.94 -0.65
C ARG A 115 -10.86 -8.37 0.73
N VAL A 116 -11.74 -7.55 1.28
CA VAL A 116 -11.49 -7.01 2.62
C VAL A 116 -11.49 -8.12 3.66
N THR A 117 -12.46 -9.04 3.56
CA THR A 117 -12.47 -10.21 4.45
C THR A 117 -11.15 -10.98 4.35
N THR A 118 -10.69 -11.22 3.14
CA THR A 118 -9.43 -11.92 2.96
C THR A 118 -8.27 -11.14 3.57
N ILE A 119 -8.25 -9.82 3.36
CA ILE A 119 -7.15 -9.01 3.84
C ILE A 119 -7.11 -8.99 5.37
N LYS A 120 -8.27 -8.86 6.00
CA LYS A 120 -8.31 -8.82 7.44
C LYS A 120 -7.95 -10.19 8.01
N THR A 121 -8.40 -11.26 7.35
CA THR A 121 -8.00 -12.59 7.78
C THR A 121 -6.49 -12.74 7.75
N ALA A 122 -5.86 -12.24 6.67
CA ALA A 122 -4.42 -12.45 6.50
C ALA A 122 -3.61 -11.57 7.46
N ALA A 123 -4.09 -10.35 7.71
CA ALA A 123 -3.37 -9.40 8.54
C ALA A 123 -3.53 -9.67 10.02
N ASN A 124 -4.48 -10.52 10.38
CA ASN A 124 -4.73 -10.81 11.79
C ASN A 124 -3.42 -11.27 12.46
N PRO A 125 -2.97 -10.61 13.53
CA PRO A 125 -1.73 -11.07 14.20
C PRO A 125 -1.81 -12.49 14.71
N GLN A 126 -3.01 -13.02 14.90
CA GLN A 126 -3.23 -14.41 15.33
C GLN A 126 -3.46 -15.36 14.16
N ALA A 127 -3.33 -14.87 12.93
CA ALA A 127 -3.64 -15.69 11.77
C ALA A 127 -2.77 -16.94 11.72
N LYS A 128 -3.30 -18.00 11.10
CA LYS A 128 -2.58 -19.23 10.82
C LYS A 128 -2.65 -19.56 9.33
N PRO A 129 -1.68 -20.28 8.81
CA PRO A 129 -1.70 -20.57 7.36
C PRO A 129 -3.02 -21.15 6.87
N GLU A 130 -3.64 -22.03 7.64
CA GLU A 130 -4.88 -22.67 7.21
C GLU A 130 -6.03 -21.68 7.07
N ASP A 131 -5.91 -20.45 7.58
CA ASP A 131 -6.98 -19.47 7.42
C ASP A 131 -7.15 -19.02 5.98
N LEU A 132 -6.15 -19.27 5.14
CA LEU A 132 -6.09 -18.75 3.77
C LEU A 132 -6.03 -19.88 2.77
N ALA A 133 -6.91 -19.84 1.77
CA ALA A 133 -6.67 -20.68 0.60
C ALA A 133 -5.73 -19.97 -0.37
N ARG A 134 -5.12 -20.75 -1.26
CA ARG A 134 -4.25 -20.21 -2.32
C ARG A 134 -4.57 -21.01 -3.58
N PRO A 135 -4.66 -20.36 -4.74
CA PRO A 135 -4.48 -18.92 -4.99
C PRO A 135 -5.77 -18.17 -4.70
N GLY A 136 -5.79 -16.87 -4.92
CA GLY A 136 -7.01 -16.11 -4.76
C GLY A 136 -6.88 -14.73 -5.38
N HIS A 137 -7.69 -13.81 -4.87
CA HIS A 137 -7.80 -12.48 -5.50
C HIS A 137 -7.07 -11.38 -4.72
N VAL A 138 -6.38 -11.71 -3.62
CA VAL A 138 -5.60 -10.73 -2.86
C VAL A 138 -4.13 -11.12 -3.04
N PHE A 139 -3.26 -10.12 -3.18
CA PHE A 139 -1.86 -10.30 -3.60
C PHE A 139 -0.95 -9.77 -2.51
N PRO A 140 -0.54 -10.61 -1.56
CA PRO A 140 0.36 -10.13 -0.51
C PRO A 140 1.75 -9.88 -1.05
N LEU A 141 2.42 -8.96 -0.38
CA LEU A 141 3.80 -8.62 -0.67
C LEU A 141 4.58 -8.63 0.63
N ARG A 142 5.86 -8.96 0.52
CA ARG A 142 6.79 -8.90 1.65
C ARG A 142 7.57 -7.59 1.59
N ALA A 143 7.43 -6.77 2.61
CA ALA A 143 8.20 -5.55 2.72
C ALA A 143 9.63 -5.87 3.15
N ARG A 144 10.59 -5.19 2.54
CA ARG A 144 11.98 -5.30 2.95
C ARG A 144 12.16 -4.76 4.36
N ALA A 145 12.95 -5.47 5.17
CA ALA A 145 13.40 -4.92 6.43
C ALA A 145 14.11 -3.61 6.17
N GLY A 146 13.76 -2.60 6.95
CA GLY A 146 14.28 -1.27 6.74
C GLY A 146 13.35 -0.33 6.01
N GLY A 147 12.29 -0.84 5.41
CA GLY A 147 11.34 0.05 4.76
C GLY A 147 11.96 0.86 3.65
N VAL A 148 11.54 2.12 3.55
CA VAL A 148 11.98 2.96 2.43
C VAL A 148 13.45 3.30 2.53
N LEU A 149 14.07 3.04 3.69
CA LEU A 149 15.50 3.23 3.79
C LEU A 149 16.29 2.08 3.20
N ALA A 150 15.63 0.98 2.82
CA ALA A 150 16.26 -0.15 2.15
C ALA A 150 15.80 -0.32 0.72
N ARG A 151 14.51 -0.12 0.43
CA ARG A 151 13.96 -0.27 -0.91
C ARG A 151 12.88 0.80 -1.08
N ARG A 152 12.98 1.59 -2.14
CA ARG A 152 12.11 2.74 -2.33
C ARG A 152 10.89 2.38 -3.17
N GLY A 153 10.19 1.35 -2.76
CA GLY A 153 8.97 0.96 -3.42
C GLY A 153 7.71 1.31 -2.63
N HIS A 154 6.56 1.30 -3.30
CA HIS A 154 5.31 1.55 -2.59
C HIS A 154 5.08 0.51 -1.51
N THR A 155 5.62 -0.71 -1.69
CA THR A 155 5.50 -1.73 -0.65
C THR A 155 6.10 -1.23 0.65
N GLU A 156 7.35 -0.77 0.60
CA GLU A 156 8.04 -0.26 1.77
C GLU A 156 7.40 1.04 2.24
N GLY A 157 7.01 1.92 1.31
CA GLY A 157 6.23 3.10 1.68
C GLY A 157 5.04 2.76 2.56
N THR A 158 4.31 1.71 2.19
CA THR A 158 3.10 1.35 2.93
C THR A 158 3.44 0.92 4.36
N VAL A 159 4.39 0.00 4.53
CA VAL A 159 4.70 -0.50 5.86
C VAL A 159 5.27 0.62 6.74
N ASP A 160 6.09 1.48 6.17
CA ASP A 160 6.65 2.57 6.95
C ASP A 160 5.57 3.58 7.36
N LEU A 161 4.64 3.88 6.47
CA LEU A 161 3.56 4.78 6.84
C LEU A 161 2.75 4.24 8.02
N MET A 162 2.44 2.94 7.98
CA MET A 162 1.69 2.31 9.06
C MET A 162 2.48 2.36 10.36
N GLN A 163 3.77 2.00 10.32
CA GLN A 163 4.53 1.99 11.57
C GLN A 163 4.68 3.40 12.11
N MET A 164 4.96 4.37 11.24
CA MET A 164 5.18 5.74 11.70
C MET A 164 3.91 6.36 12.22
N ALA A 165 2.75 5.92 11.74
CA ALA A 165 1.48 6.42 12.24
C ALA A 165 1.07 5.73 13.52
N GLY A 166 1.85 4.77 14.01
CA GLY A 166 1.45 4.03 15.17
C GLY A 166 0.40 2.97 14.94
N LEU A 167 0.29 2.44 13.73
CA LEU A 167 -0.76 1.49 13.39
C LEU A 167 -0.17 0.09 13.23
N GLN A 168 -1.02 -0.92 13.14
CA GLN A 168 -0.53 -2.25 12.81
C GLN A 168 0.16 -2.22 11.45
N PRO A 169 1.30 -2.89 11.30
CA PRO A 169 2.12 -2.77 10.06
C PRO A 169 1.56 -3.63 8.93
N ALA A 170 0.38 -3.28 8.45
CA ALA A 170 -0.30 -3.96 7.35
C ALA A 170 -1.18 -2.92 6.65
N GLY A 171 -1.01 -2.80 5.34
CA GLY A 171 -1.77 -1.87 4.56
C GLY A 171 -2.05 -2.45 3.19
N VAL A 172 -2.98 -1.81 2.48
CA VAL A 172 -3.30 -2.21 1.12
C VAL A 172 -2.90 -1.09 0.19
N LEU A 173 -2.55 -1.45 -1.04
CA LEU A 173 -2.09 -0.46 -2.00
C LEU A 173 -2.43 -0.90 -3.42
N CYS A 174 -2.56 0.08 -4.31
CA CYS A 174 -2.85 -0.25 -5.69
C CYS A 174 -2.60 0.99 -6.53
N GLU A 175 -2.14 0.78 -7.76
CA GLU A 175 -1.70 1.87 -8.63
C GLU A 175 -2.89 2.65 -9.20
N LEU A 176 -2.89 3.96 -9.01
CA LEU A 176 -3.94 4.80 -9.60
C LEU A 176 -3.84 4.83 -11.13
N THR A 177 -4.96 4.52 -11.78
CA THR A 177 -5.07 4.35 -13.22
C THR A 177 -6.04 5.39 -13.78
N ASN A 178 -5.68 5.99 -14.91
CA ASN A 178 -6.59 6.91 -15.59
C ASN A 178 -7.70 6.13 -16.28
N PRO A 179 -8.82 6.80 -16.54
CA PRO A 179 -9.91 6.14 -17.30
C PRO A 179 -9.48 5.50 -18.60
N ASP A 180 -8.63 6.16 -19.41
CA ASP A 180 -8.23 5.53 -20.67
C ASP A 180 -7.24 4.33 -20.49
N GLY A 181 -6.93 3.89 -19.26
CA GLY A 181 -6.02 2.80 -19.06
C GLY A 181 -4.57 3.21 -18.86
N SER A 182 -4.21 4.44 -19.15
CA SER A 182 -2.86 4.90 -18.83
C SER A 182 -2.73 5.06 -17.32
N MET A 183 -1.51 5.14 -16.83
CA MET A 183 -1.33 5.29 -15.39
C MET A 183 -1.29 6.75 -14.99
N ALA A 184 -1.91 7.07 -13.87
CA ALA A 184 -1.92 8.45 -13.40
C ALA A 184 -0.53 8.96 -13.11
N LYS A 185 -0.27 10.18 -13.54
CA LYS A 185 0.94 10.91 -13.22
C LYS A 185 0.61 12.05 -12.26
N THR A 186 1.65 12.77 -11.84
CA THR A 186 1.49 13.71 -10.73
C THR A 186 0.28 14.62 -10.87
N PRO A 187 0.00 15.24 -12.03
CA PRO A 187 -1.16 16.15 -12.08
C PRO A 187 -2.48 15.45 -11.81
N GLU A 188 -2.65 14.26 -12.37
CA GLU A 188 -3.86 13.47 -12.14
C GLU A 188 -3.93 12.99 -10.70
N ILE A 189 -2.78 12.63 -10.12
CA ILE A 189 -2.76 12.18 -8.74
C ILE A 189 -3.15 13.33 -7.80
N ILE A 190 -2.61 14.53 -8.06
CA ILE A 190 -2.96 15.68 -7.22
C ILE A 190 -4.44 15.96 -7.28
N GLU A 191 -5.00 15.92 -8.49
CA GLU A 191 -6.42 16.21 -8.67
C GLU A 191 -7.27 15.16 -7.98
N PHE A 192 -6.89 13.88 -8.11
CA PHE A 192 -7.60 12.82 -7.40
C PHE A 192 -7.53 13.01 -5.89
N GLY A 193 -6.37 13.39 -5.37
CA GLY A 193 -6.24 13.60 -3.94
C GLY A 193 -7.13 14.72 -3.44
N LYS A 194 -7.22 15.79 -4.19
CA LYS A 194 -8.12 16.91 -3.86
C LYS A 194 -9.56 16.45 -3.89
N LEU A 195 -9.95 15.72 -4.94
CA LEU A 195 -11.32 15.25 -5.05
C LEU A 195 -11.73 14.41 -3.86
N HIS A 196 -10.86 13.49 -3.42
CA HIS A 196 -11.19 12.47 -2.44
C HIS A 196 -10.62 12.82 -1.08
N ASN A 197 -10.07 14.01 -0.94
CA ASN A 197 -9.57 14.51 0.32
C ASN A 197 -8.52 13.56 0.88
N MET A 198 -7.60 13.15 0.02
CA MET A 198 -6.51 12.32 0.41
C MET A 198 -5.20 13.09 0.29
N PRO A 199 -4.36 13.06 1.32
CA PRO A 199 -3.03 13.68 1.20
C PRO A 199 -2.16 12.95 0.19
N VAL A 200 -1.28 13.73 -0.45
CA VAL A 200 -0.28 13.22 -1.40
C VAL A 200 1.11 13.46 -0.84
N LEU A 201 1.97 12.45 -0.99
CA LEU A 201 3.35 12.54 -0.57
C LEU A 201 4.20 11.61 -1.43
N THR A 202 5.52 11.75 -1.33
CA THR A 202 6.45 10.97 -2.13
C THR A 202 7.28 10.08 -1.23
N ILE A 203 7.90 9.05 -1.84
CA ILE A 203 8.84 8.22 -1.08
C ILE A 203 10.02 9.05 -0.61
N GLU A 204 10.51 9.94 -1.47
CA GLU A 204 11.58 10.85 -1.08
C GLU A 204 11.22 11.62 0.18
N ASP A 205 9.97 12.13 0.25
CA ASP A 205 9.50 12.80 1.46
C ASP A 205 9.68 11.91 2.66
N MET A 206 9.31 10.64 2.52
CA MET A 206 9.40 9.71 3.64
C MET A 206 10.85 9.43 4.01
N VAL A 207 11.71 9.29 3.01
CA VAL A 207 13.12 9.00 3.32
C VAL A 207 13.75 10.17 4.06
N GLN A 208 13.49 11.39 3.57
CA GLN A 208 13.99 12.57 4.28
C GLN A 208 13.45 12.61 5.71
N TYR A 209 12.15 12.37 5.87
CA TYR A 209 11.53 12.40 7.18
C TYR A 209 12.14 11.34 8.08
N ARG A 210 12.21 10.10 7.60
CA ARG A 210 12.76 9.04 8.41
C ARG A 210 14.22 9.32 8.74
N ILE A 211 15.05 9.87 7.86
CA ILE A 211 16.48 10.09 8.19
C ILE A 211 16.63 11.25 9.20
N GLN A 212 15.85 12.32 9.10
CA GLN A 212 16.03 13.54 9.94
C GLN A 212 15.50 13.34 11.35
N PHE A 213 14.50 12.47 11.55
CA PHE A 213 13.88 12.26 12.89
C PHE A 213 14.42 10.95 13.47
N ASP A 214 15.65 10.55 13.13
CA ASP A 214 16.31 9.31 13.62
C ASP A 214 15.23 8.26 13.85
N LEU A 215 14.44 7.95 12.82
CA LEU A 215 13.26 7.06 12.98
C LEU A 215 13.67 5.63 12.62
N LYS A 216 14.04 4.79 13.61
CA LYS A 216 14.30 3.34 13.40
C LYS A 216 12.93 2.75 13.77
N LEU A 217 12.35 1.85 12.99
CA LEU A 217 10.97 1.35 13.19
C LEU A 217 11.01 -0.13 13.61
#